data_9LJT
#
_entry.id   9LJT
#
_cell.length_a   139.843
_cell.length_b   139.843
_cell.length_c   92.651
_cell.angle_alpha   90.00
_cell.angle_beta   90.00
_cell.angle_gamma   120.00
#
_symmetry.space_group_name_H-M   'P 65'
#
loop_
_entity.id
_entity.type
_entity.pdbx_description
1 polymer 'RNA-directed RNA polymerase'
2 polymer "RNA (5'-R(P*UP*GP*U)-3')"
3 non-polymer "CYTIDINE-5'-DIPHOSPHATE"
4 non-polymer 'MANGANESE (II) ION'
5 non-polymer 'FLAVIN-ADENINE DINUCLEOTIDE'
6 water water
#
loop_
_entity_poly.entity_id
_entity_poly.type
_entity_poly.pdbx_seq_one_letter_code
_entity_poly.pdbx_strand_id
1 'polypeptide(L)'
;SSMSYSWTGALITPCGPEEEKLPINPLSNSLLRYHNKVYCTTSKSASQRAKKVTFDRTQVLDAHYDSVLKDIKLAASKVS
ARLLTLQQACQLTPPHSARSKYGFGAKEVRSLSGRAVNHIKSVWKDLLEDPQTPIPTTIMAKNEVFCVDPAKGGKKPARL
IVYPDLGVRVCEKMALYDITQKLPQAVMGASYGFQYSPAQRVEYLLKAWAEKKDPMGFSYDTRHFDSTVTERDIRTEESI
YQACSLPEEARTAIHSLTERLYVGGPMFNSKGQTCGYRRCRASGVLTTSMGNTITCYVKALAACKAAGIVAPTMLVCGDD
LIVISESQGTEEDERNLRAFTEAMTRYSAPPGDPPRPEYDLELITSCSSNVSVALGPRGRRRYYLTRDPTTPLARAAWET
VRHSPINSWLGNIIQYAPTIWVRMVLMTHFFSILMVQDTLDQNLNFEMYGSVYSVNPLDLPAIIERLHGLDAFSMHTYSH
HELTRVASALRKLGAPPLRVWKSRARAVRASLISRGGKAAVCGRYLFNWAVKTKLKLTPLPEARLLDLSSWFTV
;
A
2 'polyribonucleotide' UGU T
#
loop_
_chem_comp.id
_chem_comp.type
_chem_comp.name
_chem_comp.formula
CDP non-polymer CYTIDINE-5'-DIPHOSPHATE 'C9 H15 N3 O11 P2'
FAD non-polymer 'FLAVIN-ADENINE DINUCLEOTIDE' 'C27 H33 N9 O15 P2'
G RNA linking GUANOSINE-5'-MONOPHOSPHATE 'C10 H14 N5 O8 P'
MN non-polymer 'MANGANESE (II) ION' 'Mn 2'
U RNA linking URIDINE-5'-MONOPHOSPHATE 'C9 H13 N2 O9 P'
#
# COMPACT_ATOMS: atom_id res chain seq x y z
N SER A 1 1.78 -0.88 30.40
CA SER A 1 1.64 0.50 30.80
C SER A 1 0.40 1.16 30.23
N SER A 2 0.42 1.49 28.93
CA SER A 2 -0.56 2.39 28.32
C SER A 2 -1.63 1.65 27.54
N MET A 3 -2.86 2.15 27.63
CA MET A 3 -4.00 1.59 26.93
C MET A 3 -4.20 2.25 25.58
N SER A 4 -4.30 1.43 24.52
CA SER A 4 -4.25 1.95 23.15
C SER A 4 -5.40 2.93 22.88
N TYR A 5 -6.63 2.53 23.17
CA TYR A 5 -7.77 3.41 23.04
C TYR A 5 -8.61 3.34 24.30
N SER A 6 -9.47 4.34 24.47
CA SER A 6 -10.60 4.25 25.38
C SER A 6 -11.85 4.75 24.66
N TRP A 7 -13.01 4.27 25.08
CA TRP A 7 -14.23 4.42 24.30
C TRP A 7 -15.36 4.97 25.14
N THR A 8 -15.79 6.19 24.82
CA THR A 8 -17.06 6.67 25.33
C THR A 8 -18.24 5.81 24.88
N GLY A 9 -18.05 5.00 23.83
CA GLY A 9 -19.10 4.13 23.36
C GLY A 9 -20.11 4.78 22.44
N ALA A 10 -19.91 6.05 22.09
CA ALA A 10 -20.66 6.62 20.98
C ALA A 10 -20.38 5.79 19.73
N LEU A 11 -21.28 5.87 18.76
CA LEU A 11 -21.06 5.08 17.55
C LEU A 11 -19.96 5.70 16.69
N ILE A 12 -19.23 4.84 15.97
CA ILE A 12 -18.35 5.32 14.91
C ILE A 12 -19.20 5.50 13.66
N THR A 13 -19.72 6.70 13.49
CA THR A 13 -20.71 6.95 12.48
C THR A 13 -20.05 7.10 11.12
N PRO A 14 -20.81 6.88 10.05
CA PRO A 14 -20.26 6.95 8.70
C PRO A 14 -20.13 8.40 8.23
N CYS A 15 -19.38 8.57 7.13
CA CYS A 15 -19.04 9.89 6.58
C CYS A 15 -19.73 10.05 5.22
N GLY A 16 -20.92 10.64 5.25
CA GLY A 16 -21.72 10.79 4.06
C GLY A 16 -22.60 9.57 3.79
N PRO A 17 -22.53 9.02 2.57
CA PRO A 17 -23.28 7.80 2.28
C PRO A 17 -22.37 6.58 2.24
N GLU A 18 -22.98 5.41 2.23
CA GLU A 18 -22.28 4.15 2.02
C GLU A 18 -23.00 3.42 0.90
N GLU A 19 -22.52 3.59 -0.34
CA GLU A 19 -23.28 3.17 -1.51
C GLU A 19 -23.62 1.69 -1.42
N GLU A 20 -24.80 1.33 -1.94
CA GLU A 20 -25.27 -0.05 -1.98
C GLU A 20 -24.91 -0.65 -3.33
N LYS A 21 -24.81 -1.98 -3.35
CA LYS A 21 -24.70 -2.68 -4.61
C LYS A 21 -26.01 -2.56 -5.38
N LEU A 22 -25.90 -2.54 -6.69
CA LEU A 22 -27.09 -2.43 -7.51
C LEU A 22 -27.57 -3.83 -7.90
N PRO A 23 -28.82 -3.94 -8.36
CA PRO A 23 -29.30 -5.26 -8.85
C PRO A 23 -28.74 -5.68 -10.19
N ILE A 24 -28.11 -4.78 -10.94
CA ILE A 24 -27.27 -5.14 -12.07
C ILE A 24 -25.97 -4.37 -11.93
N ASN A 25 -24.87 -5.10 -11.79
CA ASN A 25 -23.53 -4.54 -11.94
C ASN A 25 -23.16 -4.78 -13.41
N PRO A 26 -23.47 -3.86 -14.32
CA PRO A 26 -23.48 -4.18 -15.76
C PRO A 26 -22.11 -4.19 -16.45
N LEU A 27 -21.10 -3.60 -15.81
CA LEU A 27 -19.71 -3.59 -16.27
C LEU A 27 -18.94 -4.83 -15.88
N SER A 28 -19.32 -5.47 -14.77
CA SER A 28 -18.56 -6.58 -14.23
C SER A 28 -19.33 -7.88 -14.20
N ASN A 29 -20.61 -7.92 -14.59
CA ASN A 29 -21.36 -9.18 -14.56
C ASN A 29 -21.03 -10.09 -15.74
N SER A 30 -20.26 -9.61 -16.70
CA SER A 30 -19.60 -10.45 -17.69
C SER A 30 -18.20 -10.89 -17.25
N LEU A 31 -17.75 -10.44 -16.07
CA LEU A 31 -16.46 -10.81 -15.52
C LEU A 31 -16.58 -11.96 -14.52
N LEU A 32 -17.35 -11.78 -13.45
CA LEU A 32 -17.54 -12.84 -12.46
C LEU A 32 -19.01 -12.91 -12.09
N ARG A 33 -19.45 -14.05 -11.57
CA ARG A 33 -20.88 -14.23 -11.41
C ARG A 33 -21.39 -14.09 -10.00
N TYR A 34 -20.55 -14.25 -9.00
CA TYR A 34 -21.00 -14.29 -7.61
C TYR A 34 -20.91 -12.92 -6.95
N HIS A 35 -21.68 -11.96 -7.45
CA HIS A 35 -21.56 -10.62 -6.93
C HIS A 35 -21.97 -10.52 -5.47
N ASN A 36 -22.53 -11.58 -4.91
CA ASN A 36 -22.80 -11.60 -3.48
C ASN A 36 -21.50 -11.68 -2.69
N LYS A 37 -20.55 -12.49 -3.16
CA LYS A 37 -19.31 -12.64 -2.42
C LYS A 37 -18.50 -11.35 -2.35
N VAL A 38 -18.83 -10.32 -3.11
CA VAL A 38 -18.04 -9.10 -3.18
C VAL A 38 -18.71 -8.05 -2.31
N TYR A 39 -18.12 -7.77 -1.17
CA TYR A 39 -18.71 -6.88 -0.17
C TYR A 39 -17.78 -5.71 0.11
N CYS A 40 -18.31 -4.74 0.85
CA CYS A 40 -17.59 -3.52 1.23
C CYS A 40 -17.70 -3.33 2.74
N THR A 41 -16.59 -3.02 3.39
CA THR A 41 -16.60 -2.73 4.82
C THR A 41 -17.45 -1.48 5.08
N THR A 42 -17.80 -1.27 6.34
CA THR A 42 -18.84 -0.28 6.58
C THR A 42 -18.85 0.08 8.06
N SER A 43 -19.26 1.31 8.35
CA SER A 43 -19.26 1.84 9.71
C SER A 43 -20.09 0.98 10.65
N LYS A 44 -20.91 0.09 10.10
CA LYS A 44 -21.64 -0.86 10.93
C LYS A 44 -20.67 -1.81 11.65
N SER A 45 -19.76 -2.39 10.90
CA SER A 45 -18.74 -3.25 11.49
C SER A 45 -17.66 -2.47 12.22
N ALA A 46 -17.87 -1.19 12.49
CA ALA A 46 -16.80 -0.44 13.14
C ALA A 46 -16.68 -0.83 14.61
N SER A 47 -17.81 -1.08 15.27
CA SER A 47 -17.77 -1.46 16.67
C SER A 47 -16.92 -2.71 16.87
N GLN A 48 -17.09 -3.69 16.00
CA GLN A 48 -16.30 -4.91 16.10
C GLN A 48 -14.82 -4.64 15.89
N ARG A 49 -14.46 -3.80 14.91
CA ARG A 49 -13.05 -3.45 14.73
C ARG A 49 -12.51 -2.74 15.96
N ALA A 50 -13.32 -1.87 16.58
CA ALA A 50 -12.93 -1.21 17.81
C ALA A 50 -12.51 -2.24 18.86
N LYS A 51 -13.30 -3.30 19.01
CA LYS A 51 -13.04 -4.26 20.08
C LYS A 51 -11.74 -5.03 19.84
N LYS A 52 -11.37 -5.27 18.58
CA LYS A 52 -10.16 -6.04 18.30
C LYS A 52 -8.88 -5.22 18.37
N VAL A 53 -8.94 -3.89 18.31
CA VAL A 53 -7.72 -3.08 18.30
C VAL A 53 -7.43 -2.43 19.63
N THR A 54 -8.27 -2.65 20.64
CA THR A 54 -8.06 -2.07 21.97
C THR A 54 -7.38 -3.07 22.89
N PHE A 55 -6.24 -2.68 23.45
CA PHE A 55 -5.57 -3.52 24.42
C PHE A 55 -4.44 -2.77 25.12
N ASP A 56 -4.31 -2.98 26.43
CA ASP A 56 -3.18 -2.50 27.21
C ASP A 56 -1.89 -3.06 26.63
N ARG A 57 -0.92 -2.20 26.39
CA ARG A 57 0.34 -2.59 25.78
C ARG A 57 1.50 -2.33 26.73
N THR A 58 2.46 -3.24 26.70
CA THR A 58 3.62 -3.19 27.57
C THR A 58 4.85 -3.38 26.72
N GLN A 59 5.72 -2.40 26.71
CA GLN A 59 6.89 -2.44 25.87
C GLN A 59 8.12 -2.71 26.72
N VAL A 60 9.06 -3.47 26.16
CA VAL A 60 10.27 -3.89 26.86
C VAL A 60 11.48 -3.68 25.97
N LEU A 61 12.12 -2.52 26.10
CA LEU A 61 13.25 -2.22 25.25
C LEU A 61 14.54 -2.75 25.86
N ASP A 62 15.53 -3.01 25.02
CA ASP A 62 16.78 -3.63 25.44
C ASP A 62 17.93 -3.05 24.63
N ALA A 63 19.13 -3.56 24.88
CA ALA A 63 20.31 -2.93 24.31
C ALA A 63 20.40 -3.10 22.79
N HIS A 64 19.77 -4.14 22.24
CA HIS A 64 19.78 -4.28 20.77
C HIS A 64 19.01 -3.13 20.14
N TYR A 65 17.80 -2.87 20.67
CA TYR A 65 17.00 -1.74 20.24
C TYR A 65 17.75 -0.43 20.44
N ASP A 66 18.32 -0.23 21.64
CA ASP A 66 19.05 1.00 21.91
C ASP A 66 20.21 1.19 20.93
N SER A 67 20.93 0.11 20.62
CA SER A 67 22.01 0.19 19.65
C SER A 67 21.48 0.59 18.28
N VAL A 68 20.47 -0.14 17.80
CA VAL A 68 19.92 0.12 16.46
C VAL A 68 19.45 1.57 16.36
N LEU A 69 18.67 2.02 17.34
CA LEU A 69 18.12 3.37 17.30
C LEU A 69 19.22 4.40 17.11
N LYS A 70 20.38 4.18 17.73
CA LYS A 70 21.45 5.17 17.64
C LYS A 70 22.06 5.18 16.25
N ASP A 71 22.29 4.01 15.66
CA ASP A 71 22.77 3.95 14.29
C ASP A 71 21.78 4.52 13.28
N ILE A 72 20.51 4.63 13.67
CA ILE A 72 19.52 5.25 12.79
C ILE A 72 19.45 6.75 13.01
N LYS A 73 19.52 7.19 14.27
CA LYS A 73 19.60 8.63 14.51
C LYS A 73 20.89 9.22 13.96
N LEU A 74 21.96 8.42 13.86
CA LEU A 74 23.14 8.93 13.19
C LEU A 74 22.93 9.00 11.69
N ALA A 75 22.15 8.06 11.14
CA ALA A 75 21.82 8.12 9.72
C ALA A 75 20.92 9.30 9.43
N ALA A 76 19.97 9.54 10.33
CA ALA A 76 19.14 10.73 10.23
C ALA A 76 19.96 12.00 10.40
N SER A 77 21.06 11.96 11.16
CA SER A 77 21.85 13.18 11.37
C SER A 77 22.39 13.73 10.06
N LYS A 78 22.64 12.85 9.08
CA LYS A 78 23.16 13.26 7.78
C LYS A 78 22.16 14.05 6.95
N VAL A 79 20.90 14.16 7.41
CA VAL A 79 19.80 14.74 6.64
C VAL A 79 19.76 16.25 6.81
N SER A 80 19.45 16.96 5.72
CA SER A 80 18.97 18.33 5.79
C SER A 80 17.53 18.35 5.29
N ALA A 81 16.65 18.96 6.04
CA ALA A 81 15.30 19.16 5.57
C ALA A 81 14.96 20.64 5.66
N ARG A 82 13.98 21.07 4.86
CA ARG A 82 13.51 22.44 4.88
C ARG A 82 12.02 22.47 5.17
N LEU A 83 11.59 23.56 5.80
CA LEU A 83 10.17 23.84 5.90
C LEU A 83 9.57 24.00 4.51
N LEU A 84 8.37 23.49 4.33
CA LEU A 84 7.57 23.86 3.16
C LEU A 84 6.85 25.17 3.44
N THR A 85 6.73 26.00 2.41
CA THR A 85 5.95 27.21 2.55
C THR A 85 4.48 26.86 2.71
N LEU A 86 3.78 27.71 3.46
CA LEU A 86 2.35 27.47 3.68
C LEU A 86 1.63 27.20 2.37
N GLN A 87 2.08 27.81 1.29
CA GLN A 87 1.42 27.67 -0.01
C GLN A 87 1.81 26.37 -0.71
N GLN A 88 3.10 26.04 -0.71
CA GLN A 88 3.51 24.72 -1.17
C GLN A 88 2.70 23.66 -0.44
N ALA A 89 2.72 23.71 0.89
CA ALA A 89 1.96 22.76 1.67
C ALA A 89 0.50 22.73 1.24
N CYS A 90 -0.08 23.90 0.97
CA CYS A 90 -1.48 23.93 0.59
C CYS A 90 -1.71 23.17 -0.71
N GLN A 91 -0.91 23.46 -1.71
CA GLN A 91 -1.15 22.89 -3.02
C GLN A 91 -0.85 21.41 -3.07
N LEU A 92 -0.41 20.81 -1.98
CA LEU A 92 -0.27 19.36 -1.92
C LEU A 92 -1.55 18.68 -1.43
N THR A 93 -2.55 19.45 -1.07
CA THR A 93 -3.81 18.88 -0.66
C THR A 93 -4.45 18.14 -1.83
N PRO A 94 -4.87 16.90 -1.67
CA PRO A 94 -5.54 16.18 -2.74
C PRO A 94 -6.85 16.87 -3.10
N PRO A 95 -7.23 16.86 -4.37
CA PRO A 95 -8.33 17.72 -4.83
C PRO A 95 -9.67 17.40 -4.19
N HIS A 96 -9.88 16.18 -3.72
CA HIS A 96 -11.16 15.84 -3.10
C HIS A 96 -11.02 15.60 -1.60
N SER A 97 -9.94 16.10 -0.99
CA SER A 97 -9.62 15.83 0.41
C SER A 97 -10.67 16.43 1.34
N ALA A 98 -10.91 15.74 2.46
CA ALA A 98 -12.03 16.04 3.33
C ALA A 98 -11.96 17.46 3.87
N ARG A 99 -13.08 18.17 3.82
CA ARG A 99 -13.13 19.61 4.05
C ARG A 99 -12.83 19.94 5.50
N SER A 100 -12.90 21.23 5.81
CA SER A 100 -12.55 21.77 7.11
C SER A 100 -13.78 22.26 7.84
N LYS A 101 -13.79 22.08 9.16
CA LYS A 101 -14.90 22.54 9.99
C LYS A 101 -15.18 24.02 9.76
N TYR A 102 -14.16 24.79 9.42
CA TYR A 102 -14.24 26.24 9.22
C TYR A 102 -14.64 26.60 7.81
N GLY A 103 -15.58 25.84 7.24
CA GLY A 103 -16.14 26.11 5.94
C GLY A 103 -15.14 26.47 4.86
N PHE A 104 -14.31 25.52 4.47
CA PHE A 104 -13.55 25.60 3.22
C PHE A 104 -12.95 24.22 2.96
N GLY A 105 -12.46 24.03 1.75
CA GLY A 105 -12.10 22.70 1.31
C GLY A 105 -10.95 22.62 0.33
N ALA A 106 -10.71 21.43 -0.19
CA ALA A 106 -9.54 21.21 -1.03
C ALA A 106 -9.54 22.16 -2.22
N LYS A 107 -10.72 22.38 -2.81
CA LYS A 107 -10.90 23.38 -3.84
C LYS A 107 -10.17 24.67 -3.48
N GLU A 108 -10.59 25.33 -2.40
CA GLU A 108 -10.01 26.62 -2.02
C GLU A 108 -8.55 26.52 -1.65
N VAL A 109 -8.18 25.45 -0.94
CA VAL A 109 -6.81 25.33 -0.46
C VAL A 109 -5.83 25.27 -1.62
N ARG A 110 -6.15 24.47 -2.64
CA ARG A 110 -5.23 24.36 -3.76
C ARG A 110 -5.24 25.62 -4.62
N SER A 111 -6.33 26.39 -4.59
CA SER A 111 -6.39 27.68 -5.27
C SER A 111 -5.72 28.81 -4.50
N LEU A 112 -5.27 28.55 -3.26
CA LEU A 112 -4.72 29.57 -2.35
C LEU A 112 -5.74 30.67 -2.04
N SER A 113 -7.00 30.29 -1.94
CA SER A 113 -8.03 31.20 -1.47
C SER A 113 -7.62 31.87 -0.17
N GLY A 114 -7.87 33.16 -0.06
CA GLY A 114 -7.42 33.88 1.10
C GLY A 114 -8.07 33.44 2.40
N ARG A 115 -9.33 33.00 2.35
CA ARG A 115 -9.99 32.59 3.57
C ARG A 115 -9.17 31.51 4.24
N ALA A 116 -8.81 30.49 3.48
CA ALA A 116 -8.07 29.36 4.04
C ALA A 116 -6.67 29.77 4.45
N VAL A 117 -5.90 30.32 3.52
CA VAL A 117 -4.56 30.84 3.79
C VAL A 117 -4.53 31.53 5.15
N ASN A 118 -5.59 32.28 5.48
CA ASN A 118 -5.64 32.93 6.78
C ASN A 118 -5.78 31.91 7.90
N HIS A 119 -6.87 31.15 7.88
CA HIS A 119 -7.10 30.19 8.95
C HIS A 119 -5.94 29.22 9.11
N ILE A 120 -5.22 28.90 8.04
CA ILE A 120 -4.07 28.01 8.17
C ILE A 120 -2.90 28.76 8.78
N LYS A 121 -2.71 30.03 8.43
CA LYS A 121 -1.74 30.85 9.12
C LYS A 121 -2.00 30.85 10.62
N SER A 122 -3.28 30.98 11.02
CA SER A 122 -3.64 31.04 12.44
C SER A 122 -3.49 29.68 13.11
N VAL A 123 -3.65 28.60 12.36
CA VAL A 123 -3.33 27.27 12.87
C VAL A 123 -1.86 27.17 13.21
N TRP A 124 -1.01 27.48 12.23
CA TRP A 124 0.42 27.26 12.37
C TRP A 124 1.03 28.16 13.44
N LYS A 125 0.51 29.37 13.60
CA LYS A 125 0.97 30.20 14.72
C LYS A 125 0.67 29.50 16.03
N ASP A 126 -0.59 29.09 16.22
CA ASP A 126 -0.98 28.37 17.42
C ASP A 126 -0.25 27.03 17.56
N LEU A 127 0.23 26.45 16.45
CA LEU A 127 1.10 25.30 16.55
C LEU A 127 2.40 25.66 17.22
N LEU A 128 3.02 26.76 16.77
CA LEU A 128 4.30 27.15 17.33
C LEU A 128 4.14 27.59 18.79
N GLU A 129 3.10 28.35 19.08
CA GLU A 129 3.02 29.02 20.37
C GLU A 129 2.54 28.11 21.48
N ASP A 130 1.55 27.28 21.22
CA ASP A 130 1.09 26.37 22.26
C ASP A 130 1.63 24.99 21.94
N PRO A 131 2.48 24.43 22.77
CA PRO A 131 2.99 23.10 22.44
C PRO A 131 2.44 22.01 23.33
N GLN A 132 1.15 22.07 23.69
CA GLN A 132 0.60 21.08 24.60
C GLN A 132 -0.85 20.65 24.35
N THR A 133 -1.76 21.59 24.11
CA THR A 133 -3.18 21.24 24.06
C THR A 133 -3.42 20.19 22.97
N PRO A 134 -4.15 19.13 23.26
CA PRO A 134 -4.46 18.14 22.23
C PRO A 134 -5.18 18.74 21.04
N ILE A 135 -4.99 18.11 19.88
CA ILE A 135 -5.65 18.49 18.64
C ILE A 135 -6.77 17.49 18.38
N PRO A 136 -8.03 17.92 18.31
CA PRO A 136 -9.11 16.97 18.10
C PRO A 136 -9.01 16.29 16.74
N THR A 137 -9.32 15.00 16.73
CA THR A 137 -9.21 14.17 15.54
C THR A 137 -10.55 13.51 15.27
N THR A 138 -10.77 13.15 14.02
CA THR A 138 -12.01 12.53 13.62
C THR A 138 -11.74 11.08 13.30
N ILE A 139 -12.50 10.20 13.90
CA ILE A 139 -12.41 8.78 13.61
C ILE A 139 -13.62 8.39 12.77
N MET A 140 -13.34 7.60 11.74
CA MET A 140 -14.36 7.11 10.83
C MET A 140 -13.96 5.72 10.40
N ALA A 141 -14.95 4.88 10.13
CA ALA A 141 -14.65 3.61 9.51
C ALA A 141 -13.99 3.86 8.16
N LYS A 142 -13.26 2.87 7.65
CA LYS A 142 -12.79 2.91 6.28
C LYS A 142 -13.60 1.94 5.46
N ASN A 143 -14.02 2.38 4.29
CA ASN A 143 -14.77 1.54 3.39
C ASN A 143 -13.83 1.04 2.30
N GLU A 144 -13.73 -0.28 2.18
CA GLU A 144 -12.94 -0.93 1.14
C GLU A 144 -13.61 -2.25 0.83
N VAL A 145 -13.32 -2.78 -0.36
CA VAL A 145 -14.06 -3.89 -0.94
C VAL A 145 -13.23 -5.16 -0.87
N PHE A 146 -13.85 -6.25 -0.40
CA PHE A 146 -13.19 -7.54 -0.34
C PHE A 146 -14.12 -8.63 -0.84
N CYS A 147 -13.51 -9.77 -1.14
CA CYS A 147 -14.28 -10.98 -1.30
C CYS A 147 -14.49 -11.61 0.06
N VAL A 148 -15.61 -12.31 0.23
CA VAL A 148 -15.84 -12.98 1.49
C VAL A 148 -14.83 -14.10 1.63
N ASP A 149 -14.47 -14.39 2.86
CA ASP A 149 -13.75 -15.61 3.22
C ASP A 149 -14.59 -16.30 4.28
N PRO A 150 -15.25 -17.41 3.98
CA PRO A 150 -15.94 -18.16 5.04
C PRO A 150 -14.97 -18.78 6.03
N ALA A 151 -13.72 -19.03 5.62
CA ALA A 151 -12.70 -19.52 6.54
C ALA A 151 -12.36 -18.46 7.59
N LYS A 152 -12.29 -17.19 7.19
CA LYS A 152 -12.05 -16.07 8.12
C LYS A 152 -13.35 -15.46 8.64
N GLY A 153 -14.34 -16.29 8.98
CA GLY A 153 -15.53 -15.77 9.64
C GLY A 153 -16.36 -14.80 8.83
N GLY A 154 -16.33 -14.91 7.53
CA GLY A 154 -17.22 -14.12 6.69
C GLY A 154 -16.61 -12.77 6.30
N LYS A 155 -17.15 -11.70 6.86
CA LYS A 155 -16.82 -10.35 6.40
C LYS A 155 -15.94 -9.68 7.42
N LYS A 156 -14.79 -9.19 6.98
CA LYS A 156 -13.93 -8.40 7.83
C LYS A 156 -14.70 -7.18 8.35
N PRO A 157 -14.34 -6.68 9.53
CA PRO A 157 -14.81 -5.37 9.93
C PRO A 157 -13.92 -4.26 9.37
N ALA A 158 -14.43 -3.04 9.43
CA ALA A 158 -13.85 -1.89 8.74
C ALA A 158 -12.65 -1.32 9.49
N ARG A 159 -11.52 -1.18 8.82
CA ARG A 159 -10.34 -0.58 9.44
C ARG A 159 -10.65 0.81 9.98
N LEU A 160 -10.00 1.20 11.09
CA LEU A 160 -10.26 2.52 11.68
C LEU A 160 -9.33 3.57 11.09
N ILE A 161 -9.89 4.72 10.73
CA ILE A 161 -9.11 5.84 10.22
C ILE A 161 -9.33 7.06 11.10
N VAL A 162 -8.23 7.63 11.60
CA VAL A 162 -8.24 8.81 12.46
C VAL A 162 -7.37 9.88 11.82
N TYR A 163 -7.89 11.11 11.77
CA TYR A 163 -7.22 12.20 11.06
C TYR A 163 -7.66 13.54 11.63
N PRO A 164 -6.81 14.58 11.54
CA PRO A 164 -7.16 15.88 12.13
C PRO A 164 -7.90 16.75 11.13
N ASP A 165 -8.11 18.02 11.46
CA ASP A 165 -8.82 18.88 10.54
C ASP A 165 -7.97 19.20 9.33
N LEU A 166 -8.63 19.69 8.28
CA LEU A 166 -7.94 19.98 7.03
C LEU A 166 -6.89 21.07 7.17
N GLY A 167 -7.17 22.11 7.97
CA GLY A 167 -6.13 23.09 8.25
C GLY A 167 -4.87 22.47 8.86
N VAL A 168 -5.06 21.56 9.82
CA VAL A 168 -3.93 20.85 10.43
C VAL A 168 -3.10 20.16 9.37
N ARG A 169 -3.75 19.35 8.53
CA ARG A 169 -3.02 18.48 7.63
C ARG A 169 -2.05 19.27 6.77
N VAL A 170 -2.40 20.52 6.46
CA VAL A 170 -1.51 21.32 5.62
C VAL A 170 -0.24 21.71 6.38
N CYS A 171 -0.36 21.98 7.68
CA CYS A 171 0.82 22.31 8.48
C CYS A 171 1.72 21.10 8.67
N GLU A 172 1.15 19.90 8.82
CA GLU A 172 1.99 18.73 8.85
C GLU A 172 2.86 18.68 7.61
N LYS A 173 2.33 19.13 6.47
CA LYS A 173 3.16 19.16 5.28
C LYS A 173 4.19 20.28 5.35
N MET A 174 3.84 21.41 5.98
CA MET A 174 4.83 22.48 6.16
C MET A 174 5.99 22.01 7.02
N ALA A 175 5.66 21.42 8.18
CA ALA A 175 6.66 20.96 9.14
C ALA A 175 7.38 19.72 8.64
N LEU A 176 6.62 18.74 8.16
CA LEU A 176 7.14 17.39 8.00
C LEU A 176 7.24 16.88 6.57
N TYR A 177 6.58 17.50 5.59
CA TYR A 177 6.54 16.87 4.27
C TYR A 177 7.94 16.61 3.76
N ASP A 178 8.83 17.59 3.89
CA ASP A 178 10.15 17.39 3.32
C ASP A 178 10.83 16.19 3.95
N ILE A 179 10.65 15.99 5.26
CA ILE A 179 11.26 14.85 5.94
C ILE A 179 10.71 13.54 5.39
N THR A 180 9.39 13.47 5.17
CA THR A 180 8.85 12.25 4.59
C THR A 180 9.49 11.95 3.25
N GLN A 181 9.97 12.96 2.56
CA GLN A 181 10.56 12.67 1.28
C GLN A 181 12.04 12.32 1.36
N LYS A 182 12.63 12.33 2.54
CA LYS A 182 14.06 12.00 2.55
C LYS A 182 14.46 11.01 3.65
N LEU A 183 13.80 11.05 4.80
CA LEU A 183 14.30 10.31 5.95
C LEU A 183 14.28 8.81 5.74
N PRO A 184 13.17 8.18 5.32
CA PRO A 184 13.19 6.72 5.13
C PRO A 184 14.33 6.26 4.26
N GLN A 185 14.64 7.01 3.21
CA GLN A 185 15.74 6.62 2.34
C GLN A 185 17.09 6.83 3.02
N ALA A 186 17.19 7.84 3.87
CA ALA A 186 18.45 8.13 4.55
C ALA A 186 18.73 7.15 5.68
N VAL A 187 17.68 6.63 6.31
CA VAL A 187 17.85 5.73 7.42
C VAL A 187 18.11 4.31 6.92
N MET A 188 17.27 3.81 6.03
CA MET A 188 17.30 2.41 5.64
C MET A 188 18.07 2.15 4.36
N GLY A 189 18.15 3.11 3.46
CA GLY A 189 18.79 2.79 2.19
C GLY A 189 17.97 1.74 1.46
N ALA A 190 18.65 0.85 0.75
CA ALA A 190 17.97 -0.12 -0.10
C ALA A 190 16.97 -1.00 0.65
N SER A 191 17.03 -1.03 1.97
CA SER A 191 16.04 -1.74 2.77
C SER A 191 14.66 -1.12 2.62
N TYR A 192 14.59 0.16 2.25
CA TYR A 192 13.34 0.85 2.05
C TYR A 192 12.60 0.31 0.83
N GLY A 193 11.33 -0.02 1.01
CA GLY A 193 10.59 -0.77 0.02
C GLY A 193 9.82 0.02 -1.01
N PHE A 194 9.26 1.17 -0.60
CA PHE A 194 8.38 1.96 -1.45
C PHE A 194 9.13 2.79 -2.48
N GLN A 195 10.29 2.31 -2.93
CA GLN A 195 11.03 2.95 -3.99
C GLN A 195 11.11 2.08 -5.21
N TYR A 196 10.49 0.91 -5.17
CA TYR A 196 10.75 -0.09 -6.16
C TYR A 196 9.49 -0.32 -6.96
N SER A 197 9.64 -0.31 -8.29
CA SER A 197 8.65 -0.87 -9.16
C SER A 197 8.60 -2.35 -8.86
N PRO A 198 7.46 -3.00 -9.14
CA PRO A 198 7.41 -4.46 -8.95
C PRO A 198 8.63 -5.18 -9.51
N ALA A 199 8.99 -4.96 -10.77
CA ALA A 199 10.18 -5.62 -11.30
C ALA A 199 11.41 -5.26 -10.49
N GLN A 200 11.54 -3.99 -10.07
CA GLN A 200 12.73 -3.60 -9.32
C GLN A 200 12.77 -4.30 -7.97
N ARG A 201 11.61 -4.40 -7.32
CA ARG A 201 11.50 -5.18 -6.09
C ARG A 201 11.92 -6.63 -6.32
N VAL A 202 11.46 -7.22 -7.42
CA VAL A 202 11.83 -8.61 -7.70
C VAL A 202 13.34 -8.71 -7.84
N GLU A 203 13.94 -7.77 -8.55
CA GLU A 203 15.38 -7.80 -8.75
C GLU A 203 16.10 -7.80 -7.41
N TYR A 204 15.56 -7.07 -6.44
CA TYR A 204 16.20 -6.93 -5.14
C TYR A 204 16.16 -8.23 -4.37
N LEU A 205 14.98 -8.81 -4.23
CA LEU A 205 14.84 -10.11 -3.61
C LEU A 205 15.72 -11.13 -4.29
N LEU A 206 15.76 -11.11 -5.62
CA LEU A 206 16.63 -12.04 -6.34
C LEU A 206 18.09 -11.76 -6.03
N LYS A 207 18.52 -10.48 -6.13
CA LYS A 207 19.90 -10.14 -5.78
C LYS A 207 20.24 -10.65 -4.39
N ALA A 208 19.31 -10.50 -3.45
CA ALA A 208 19.58 -10.83 -2.05
C ALA A 208 19.66 -12.34 -1.84
N TRP A 209 18.69 -13.07 -2.36
CA TRP A 209 18.71 -14.52 -2.27
C TRP A 209 19.98 -15.10 -2.87
N ALA A 210 20.52 -14.46 -3.92
CA ALA A 210 21.66 -15.06 -4.61
C ALA A 210 22.96 -14.84 -3.86
N GLU A 211 23.04 -13.79 -3.05
CA GLU A 211 24.28 -13.47 -2.35
C GLU A 211 24.35 -14.09 -0.96
N LYS A 212 23.40 -14.93 -0.61
CA LYS A 212 23.61 -15.85 0.49
C LYS A 212 24.25 -17.11 -0.08
N LYS A 213 25.13 -17.75 0.70
CA LYS A 213 25.61 -19.08 0.32
C LYS A 213 24.54 -20.14 0.58
N ASP A 214 23.73 -19.95 1.61
CA ASP A 214 22.57 -20.81 1.85
C ASP A 214 21.46 -19.95 2.43
N PRO A 215 20.57 -19.41 1.58
CA PRO A 215 19.62 -18.42 2.03
C PRO A 215 18.41 -19.03 2.73
N MET A 216 17.69 -18.16 3.43
CA MET A 216 16.51 -18.54 4.19
C MET A 216 15.75 -17.26 4.41
N GLY A 217 14.52 -17.20 3.93
CA GLY A 217 13.76 -15.99 4.11
C GLY A 217 12.50 -16.23 4.91
N PHE A 218 11.94 -15.15 5.45
CA PHE A 218 10.65 -15.21 6.12
C PHE A 218 9.99 -13.85 5.98
N SER A 219 8.70 -13.80 6.26
CA SER A 219 7.96 -12.56 6.22
C SER A 219 7.33 -12.29 7.58
N TYR A 220 7.03 -11.02 7.85
CA TYR A 220 6.45 -10.65 9.14
C TYR A 220 5.55 -9.45 8.92
N ASP A 221 4.26 -9.57 9.26
CA ASP A 221 3.37 -8.43 9.37
C ASP A 221 2.91 -8.36 10.80
N THR A 222 2.82 -7.16 11.34
CA THR A 222 2.40 -6.96 12.70
C THR A 222 0.88 -6.87 12.79
N ARG A 223 0.32 -7.57 13.76
CA ARG A 223 -1.12 -7.56 13.96
C ARG A 223 -1.56 -6.20 14.46
N HIS A 224 -2.45 -5.55 13.72
CA HIS A 224 -3.02 -4.24 14.10
C HIS A 224 -1.93 -3.23 14.42
N PHE A 225 -1.02 -3.04 13.46
CA PHE A 225 0.18 -2.27 13.74
C PHE A 225 -0.15 -0.87 14.27
N ASP A 226 -1.20 -0.23 13.72
CA ASP A 226 -1.47 1.14 14.12
C ASP A 226 -1.74 1.26 15.62
N SER A 227 -2.30 0.20 16.23
CA SER A 227 -2.62 0.20 17.64
C SER A 227 -1.49 -0.33 18.52
N THR A 228 -0.43 -0.89 17.95
CA THR A 228 0.70 -1.34 18.75
C THR A 228 1.83 -0.34 18.78
N VAL A 229 1.70 0.77 18.07
CA VAL A 229 2.64 1.87 18.25
C VAL A 229 2.35 2.52 19.59
N THR A 230 3.31 2.47 20.49
CA THR A 230 3.08 3.04 21.81
C THR A 230 3.52 4.51 21.82
N GLU A 231 3.06 5.23 22.84
CA GLU A 231 3.39 6.64 22.93
C GLU A 231 4.90 6.84 22.93
N ARG A 232 5.66 5.88 23.46
CA ARG A 232 7.10 6.01 23.49
C ARG A 232 7.71 5.76 22.13
N ASP A 233 7.06 4.95 21.30
CA ASP A 233 7.50 4.80 19.91
C ASP A 233 7.41 6.13 19.19
N ILE A 234 6.27 6.80 19.34
CA ILE A 234 5.98 8.00 18.58
C ILE A 234 6.87 9.16 19.01
N ARG A 235 7.20 9.23 20.31
CA ARG A 235 8.18 10.20 20.75
C ARG A 235 9.57 9.81 20.31
N THR A 236 9.90 8.52 20.37
CA THR A 236 11.18 8.06 19.86
C THR A 236 11.34 8.42 18.39
N GLU A 237 10.25 8.42 17.63
CA GLU A 237 10.42 8.83 16.25
C GLU A 237 10.57 10.33 16.13
N GLU A 238 9.90 11.12 16.98
CA GLU A 238 10.14 12.56 16.93
C GLU A 238 11.61 12.87 17.12
N SER A 239 12.28 12.12 18.00
CA SER A 239 13.71 12.34 18.18
C SER A 239 14.52 11.78 17.03
N ILE A 240 13.93 10.93 16.19
CA ILE A 240 14.62 10.57 14.96
C ILE A 240 14.51 11.70 13.95
N TYR A 241 13.32 12.31 13.82
CA TYR A 241 13.17 13.47 12.96
C TYR A 241 14.08 14.58 13.42
N GLN A 242 14.11 14.81 14.73
CA GLN A 242 14.91 15.89 15.29
C GLN A 242 16.40 15.65 15.09
N ALA A 243 16.82 14.42 14.80
CA ALA A 243 18.21 14.16 14.46
C ALA A 243 18.69 14.96 13.25
N CYS A 244 17.77 15.38 12.38
CA CYS A 244 18.11 15.96 11.10
C CYS A 244 18.51 17.43 11.25
N SER A 245 19.16 17.94 10.21
CA SER A 245 19.48 19.36 10.11
C SER A 245 18.23 20.12 9.74
N LEU A 246 17.63 20.81 10.70
CA LEU A 246 16.33 21.44 10.54
C LEU A 246 16.38 22.92 10.93
N PRO A 247 15.47 23.72 10.40
CA PRO A 247 15.31 25.09 10.88
C PRO A 247 14.53 25.08 12.19
N GLU A 248 14.80 26.11 13.01
CA GLU A 248 14.31 26.11 14.37
C GLU A 248 12.80 26.23 14.44
N GLU A 249 12.19 26.93 13.48
CA GLU A 249 10.73 27.05 13.45
C GLU A 249 10.08 25.69 13.22
N ALA A 250 10.74 24.85 12.41
CA ALA A 250 10.21 23.52 12.12
C ALA A 250 10.20 22.65 13.37
N ARG A 251 11.36 22.56 14.05
CA ARG A 251 11.49 21.74 15.25
C ARG A 251 10.42 22.04 16.27
N THR A 252 10.17 23.32 16.52
CA THR A 252 9.07 23.75 17.37
C THR A 252 7.78 23.07 16.94
N ALA A 253 7.44 23.23 15.66
CA ALA A 253 6.15 22.76 15.16
C ALA A 253 6.06 21.25 15.23
N ILE A 254 7.07 20.57 14.69
CA ILE A 254 7.21 19.13 14.85
C ILE A 254 6.93 18.72 16.30
N HIS A 255 7.71 19.26 17.23
CA HIS A 255 7.53 18.90 18.63
C HIS A 255 6.09 19.13 19.07
N SER A 256 5.54 20.30 18.72
CA SER A 256 4.15 20.59 19.08
C SER A 256 3.19 19.58 18.46
N LEU A 257 3.45 19.17 17.22
CA LEU A 257 2.60 18.16 16.59
C LEU A 257 2.69 16.82 17.30
N THR A 258 3.90 16.38 17.64
CA THR A 258 4.04 15.14 18.40
C THR A 258 3.26 15.22 19.70
N GLU A 259 3.46 16.29 20.47
CA GLU A 259 2.82 16.36 21.78
C GLU A 259 1.32 16.48 21.64
N ARG A 260 0.86 17.24 20.64
CA ARG A 260 -0.54 17.61 20.57
C ARG A 260 -1.35 16.67 19.71
N LEU A 261 -0.74 16.03 18.72
CA LEU A 261 -1.47 15.15 17.82
C LEU A 261 -0.94 13.72 17.86
N TYR A 262 0.35 13.52 17.59
CA TYR A 262 0.85 12.22 17.19
C TYR A 262 0.83 11.22 18.33
N VAL A 263 1.24 11.63 19.52
CA VAL A 263 1.21 10.76 20.69
C VAL A 263 -0.19 10.46 21.17
N GLY A 264 -1.19 11.12 20.64
CA GLY A 264 -2.56 10.76 20.97
C GLY A 264 -3.40 11.99 21.20
N GLY A 265 -4.70 11.82 21.03
CA GLY A 265 -5.67 12.88 21.18
C GLY A 265 -7.07 12.32 21.12
N PRO A 266 -8.04 13.10 21.57
CA PRO A 266 -9.41 12.61 21.63
C PRO A 266 -10.01 12.49 20.24
N MET A 267 -10.77 11.43 20.05
CA MET A 267 -11.34 11.09 18.75
C MET A 267 -12.83 11.40 18.76
N PHE A 268 -13.30 12.01 17.66
CA PHE A 268 -14.67 12.43 17.47
C PHE A 268 -15.28 11.70 16.28
N ASN A 269 -16.50 11.20 16.46
CA ASN A 269 -17.18 10.61 15.34
C ASN A 269 -17.63 11.73 14.40
N SER A 270 -18.18 11.31 13.26
CA SER A 270 -18.61 12.27 12.24
C SER A 270 -19.77 13.15 12.70
N LYS A 271 -20.57 12.70 13.65
CA LYS A 271 -21.62 13.55 14.17
C LYS A 271 -21.11 14.52 15.22
N GLY A 272 -19.82 14.52 15.50
CA GLY A 272 -19.25 15.44 16.45
C GLY A 272 -19.07 14.90 17.86
N GLN A 273 -19.86 13.91 18.28
CA GLN A 273 -19.76 13.37 19.64
C GLN A 273 -18.36 12.86 19.93
N THR A 274 -17.89 13.10 21.15
CA THR A 274 -16.63 12.50 21.58
C THR A 274 -16.76 10.99 21.53
N CYS A 275 -15.90 10.34 20.75
CA CYS A 275 -15.98 8.92 20.53
C CYS A 275 -15.05 8.12 21.43
N GLY A 276 -14.01 8.76 21.96
CA GLY A 276 -13.03 8.06 22.74
C GLY A 276 -11.71 8.81 22.67
N TYR A 277 -10.68 8.16 23.19
CA TYR A 277 -9.37 8.75 23.23
C TYR A 277 -8.38 7.76 22.66
N ARG A 278 -7.37 8.27 22.00
CA ARG A 278 -6.40 7.42 21.32
C ARG A 278 -5.01 7.67 21.89
N ARG A 279 -4.32 6.60 22.25
CA ARG A 279 -2.95 6.66 22.73
CA ARG A 279 -2.93 6.71 22.70
C ARG A 279 -2.02 5.84 21.83
N CYS A 280 -2.29 5.82 20.53
CA CYS A 280 -1.46 5.11 19.57
C CYS A 280 -1.40 5.89 18.26
N ARG A 281 -0.77 5.28 17.25
CA ARG A 281 -0.65 5.91 15.95
C ARG A 281 -2.02 6.10 15.33
N ALA A 282 -2.35 7.34 15.02
CA ALA A 282 -3.52 7.56 14.18
C ALA A 282 -3.12 7.31 12.74
N SER A 283 -3.69 6.28 12.14
CA SER A 283 -3.60 6.12 10.69
C SER A 283 -4.41 7.22 10.03
N GLY A 284 -3.70 8.19 9.45
CA GLY A 284 -4.32 9.35 8.85
C GLY A 284 -3.43 10.58 8.83
N VAL A 285 -2.37 10.58 9.62
CA VAL A 285 -1.46 11.72 9.68
C VAL A 285 -0.37 11.58 8.62
N LEU A 286 0.33 12.68 8.34
CA LEU A 286 1.37 12.64 7.31
C LEU A 286 2.37 11.54 7.60
N THR A 287 2.75 11.40 8.85
CA THR A 287 3.77 10.45 9.26
C THR A 287 3.25 9.02 9.36
N THR A 288 2.05 8.70 8.88
CA THR A 288 1.56 7.34 9.07
C THR A 288 2.43 6.33 8.36
N SER A 289 2.89 6.65 7.15
CA SER A 289 3.70 5.62 6.51
C SER A 289 5.18 5.75 6.81
N MET A 290 5.71 6.97 6.88
CA MET A 290 7.08 7.11 7.33
C MET A 290 7.24 6.54 8.75
N GLY A 291 6.28 6.85 9.62
CA GLY A 291 6.40 6.44 11.02
C GLY A 291 6.29 4.95 11.22
N ASN A 292 5.30 4.33 10.59
CA ASN A 292 5.23 2.88 10.58
C ASN A 292 6.51 2.29 10.04
N THR A 293 6.92 2.71 8.86
CA THR A 293 8.02 2.04 8.22
C THR A 293 9.31 2.21 9.00
N ILE A 294 9.52 3.37 9.62
CA ILE A 294 10.77 3.51 10.38
C ILE A 294 10.67 2.79 11.71
N THR A 295 9.59 3.02 12.46
CA THR A 295 9.41 2.27 13.70
C THR A 295 9.53 0.78 13.44
N CYS A 296 8.89 0.30 12.38
CA CYS A 296 9.03 -1.09 12.01
C CYS A 296 10.50 -1.47 11.79
N TYR A 297 11.23 -0.66 11.01
CA TYR A 297 12.60 -0.99 10.73
C TYR A 297 13.37 -1.29 12.01
N VAL A 298 13.40 -0.35 12.94
CA VAL A 298 14.24 -0.56 14.12
C VAL A 298 13.78 -1.80 14.87
N LYS A 299 12.47 -1.90 15.16
CA LYS A 299 11.98 -3.01 15.97
C LYS A 299 12.37 -4.32 15.33
N ALA A 300 12.13 -4.46 14.04
CA ALA A 300 12.45 -5.70 13.35
C ALA A 300 13.95 -5.90 13.24
N LEU A 301 14.70 -4.81 13.06
CA LEU A 301 16.15 -4.94 12.90
C LEU A 301 16.83 -5.26 14.22
N ALA A 302 16.35 -4.66 15.32
CA ALA A 302 16.78 -5.02 16.66
C ALA A 302 16.41 -6.45 16.97
N ALA A 303 15.14 -6.82 16.76
CA ALA A 303 14.72 -8.21 16.91
C ALA A 303 15.56 -9.14 16.04
N CYS A 304 16.12 -8.62 14.96
CA CYS A 304 17.01 -9.43 14.16
C CYS A 304 18.30 -9.72 14.92
N LYS A 305 18.91 -8.68 15.49
CA LYS A 305 20.05 -8.88 16.36
C LYS A 305 19.70 -9.84 17.49
N ALA A 306 18.46 -9.75 17.98
CA ALA A 306 18.06 -10.51 19.15
C ALA A 306 17.86 -11.99 18.86
N ALA A 307 17.69 -12.37 17.61
CA ALA A 307 17.50 -13.77 17.25
C ALA A 307 18.74 -14.38 16.65
N GLY A 308 19.78 -13.59 16.44
CA GLY A 308 20.95 -14.10 15.75
C GLY A 308 20.68 -14.36 14.29
N ILE A 309 19.80 -13.57 13.67
CA ILE A 309 19.62 -13.70 12.23
C ILE A 309 20.92 -13.28 11.58
N VAL A 310 21.50 -14.16 10.78
CA VAL A 310 22.85 -13.95 10.27
C VAL A 310 22.78 -13.30 8.90
N ALA A 311 23.69 -12.34 8.68
CA ALA A 311 23.82 -11.61 7.42
C ALA A 311 22.46 -11.25 6.86
N PRO A 312 21.62 -10.54 7.63
CA PRO A 312 20.25 -10.33 7.19
C PRO A 312 20.14 -9.19 6.18
N THR A 313 19.30 -9.42 5.18
CA THR A 313 18.94 -8.41 4.19
C THR A 313 17.45 -8.17 4.34
N MET A 314 17.05 -6.89 4.44
CA MET A 314 15.70 -6.56 4.85
C MET A 314 15.00 -5.73 3.79
N LEU A 315 13.68 -5.96 3.67
CA LEU A 315 12.80 -5.16 2.84
C LEU A 315 11.59 -4.74 3.65
N VAL A 316 11.44 -3.43 3.90
CA VAL A 316 10.42 -2.91 4.80
C VAL A 316 9.43 -2.09 3.99
N CYS A 317 8.18 -2.54 3.96
CA CYS A 317 7.05 -1.79 3.43
C CYS A 317 6.05 -1.70 4.57
N GLY A 318 5.96 -0.54 5.23
CA GLY A 318 5.01 -0.41 6.34
C GLY A 318 5.30 -1.47 7.39
N ASP A 319 4.23 -2.11 7.88
CA ASP A 319 4.43 -3.16 8.89
C ASP A 319 4.82 -4.49 8.26
N ASP A 320 4.70 -4.63 6.93
CA ASP A 320 5.12 -5.84 6.25
C ASP A 320 6.65 -5.89 6.14
N LEU A 321 7.19 -7.10 6.13
CA LEU A 321 8.63 -7.24 6.26
C LEU A 321 9.10 -8.54 5.60
N ILE A 322 10.23 -8.46 4.90
CA ILE A 322 10.90 -9.64 4.38
C ILE A 322 12.34 -9.63 4.81
N VAL A 323 12.83 -10.79 5.22
CA VAL A 323 14.20 -10.92 5.68
C VAL A 323 14.83 -12.13 5.03
N ILE A 324 15.67 -11.91 4.03
CA ILE A 324 16.45 -12.97 3.43
C ILE A 324 17.82 -12.97 4.08
N SER A 325 18.13 -14.05 4.80
CA SER A 325 19.29 -14.09 5.67
C SER A 325 20.01 -15.40 5.48
N GLU A 326 20.97 -15.66 6.37
CA GLU A 326 21.79 -16.85 6.26
C GLU A 326 21.20 -17.94 7.13
N SER A 327 21.11 -19.13 6.56
CA SER A 327 20.49 -20.28 7.19
C SER A 327 21.49 -20.96 8.10
N GLN A 328 20.99 -21.51 9.19
CA GLN A 328 21.77 -22.18 10.22
C GLN A 328 21.27 -23.62 10.42
N GLY A 329 20.96 -24.28 9.31
CA GLY A 329 20.23 -25.53 9.34
C GLY A 329 18.77 -25.28 9.62
N THR A 330 17.90 -26.16 9.11
CA THR A 330 16.48 -25.94 9.30
C THR A 330 16.15 -25.92 10.79
N GLU A 331 16.97 -26.60 11.62
CA GLU A 331 16.61 -26.75 13.03
C GLU A 331 16.84 -25.45 13.80
N GLU A 332 18.01 -24.82 13.62
CA GLU A 332 18.24 -23.58 14.35
C GLU A 332 17.39 -22.44 13.80
N ASP A 333 17.28 -22.35 12.46
CA ASP A 333 16.50 -21.30 11.83
C ASP A 333 15.09 -21.23 12.39
N GLU A 334 14.48 -22.37 12.63
CA GLU A 334 13.19 -22.39 13.31
C GLU A 334 13.28 -21.69 14.65
N ARG A 335 14.30 -22.06 15.44
CA ARG A 335 14.44 -21.53 16.79
C ARG A 335 14.58 -20.01 16.76
N ASN A 336 15.38 -19.51 15.82
CA ASN A 336 15.62 -18.08 15.76
C ASN A 336 14.33 -17.30 15.55
N LEU A 337 13.49 -17.75 14.61
CA LEU A 337 12.27 -17.01 14.32
C LEU A 337 11.35 -16.90 15.51
N ARG A 338 11.32 -17.91 16.38
CA ARG A 338 10.62 -17.75 17.63
C ARG A 338 11.22 -16.61 18.44
N ALA A 339 12.55 -16.55 18.49
CA ALA A 339 13.21 -15.45 19.19
C ALA A 339 12.88 -14.12 18.54
N PHE A 340 12.82 -14.12 17.20
CA PHE A 340 12.39 -12.94 16.46
C PHE A 340 11.00 -12.52 16.92
N THR A 341 10.03 -13.42 16.80
CA THR A 341 8.66 -13.16 17.20
C THR A 341 8.60 -12.68 18.65
N GLU A 342 9.25 -13.40 19.56
CA GLU A 342 9.24 -13.03 20.96
C GLU A 342 9.80 -11.64 21.17
N ALA A 343 10.96 -11.35 20.56
CA ALA A 343 11.54 -10.01 20.60
C ALA A 343 10.55 -8.97 20.13
N MET A 344 9.98 -9.18 18.94
CA MET A 344 9.00 -8.23 18.40
C MET A 344 7.84 -8.07 19.36
N THR A 345 7.30 -9.18 19.85
CA THR A 345 6.19 -9.04 20.79
C THR A 345 6.61 -8.27 22.03
N ARG A 346 7.85 -8.48 22.50
CA ARG A 346 8.35 -7.69 23.61
C ARG A 346 8.50 -6.22 23.26
N TYR A 347 8.66 -5.91 21.98
CA TYR A 347 8.74 -4.53 21.51
C TYR A 347 7.37 -3.91 21.23
N SER A 348 6.28 -4.62 21.54
CA SER A 348 4.92 -4.22 21.17
C SER A 348 4.77 -4.13 19.65
N ALA A 349 5.15 -5.21 18.98
CA ALA A 349 4.84 -5.45 17.57
C ALA A 349 4.59 -6.93 17.39
N PRO A 350 3.60 -7.49 18.11
CA PRO A 350 3.34 -8.92 18.00
C PRO A 350 2.82 -9.25 16.61
N PRO A 351 3.05 -10.47 16.14
CA PRO A 351 2.60 -10.81 14.80
C PRO A 351 1.16 -11.28 14.84
N GLY A 352 0.55 -11.30 13.65
CA GLY A 352 -0.70 -12.00 13.47
C GLY A 352 -0.43 -13.46 13.12
N ASP A 353 0.47 -13.68 12.16
CA ASP A 353 0.84 -15.03 11.74
C ASP A 353 2.27 -15.31 12.17
N PRO A 354 2.49 -16.39 12.90
CA PRO A 354 3.84 -16.70 13.33
C PRO A 354 4.74 -16.88 12.14
N PRO A 355 5.85 -16.15 12.07
CA PRO A 355 6.78 -16.32 10.95
C PRO A 355 7.31 -17.74 10.87
N ARG A 356 7.87 -18.07 9.71
CA ARG A 356 8.28 -19.42 9.46
C ARG A 356 9.39 -19.35 8.41
N PRO A 357 10.53 -19.97 8.65
CA PRO A 357 11.61 -19.90 7.66
C PRO A 357 11.24 -20.69 6.42
N GLU A 358 11.51 -20.09 5.26
CA GLU A 358 11.24 -20.71 3.98
C GLU A 358 12.50 -20.74 3.13
N TYR A 359 12.55 -21.72 2.22
CA TYR A 359 13.74 -21.93 1.42
C TYR A 359 13.40 -21.98 -0.06
N ASP A 360 12.24 -21.44 -0.44
CA ASP A 360 11.81 -21.36 -1.83
C ASP A 360 11.10 -20.02 -2.02
N LEU A 361 11.67 -19.15 -2.86
CA LEU A 361 11.27 -17.75 -2.85
C LEU A 361 9.80 -17.57 -3.17
N GLU A 362 9.22 -18.48 -3.94
CA GLU A 362 7.79 -18.37 -4.23
C GLU A 362 6.96 -18.48 -2.95
N LEU A 363 7.42 -19.24 -1.96
CA LEU A 363 6.64 -19.49 -0.75
C LEU A 363 6.71 -18.35 0.26
N ILE A 364 7.46 -17.29 -0.04
CA ILE A 364 7.56 -16.12 0.84
C ILE A 364 6.67 -15.04 0.30
N THR A 365 5.72 -14.59 1.13
CA THR A 365 4.79 -13.53 0.74
C THR A 365 4.91 -12.35 1.70
N SER A 366 5.00 -11.14 1.16
CA SER A 366 4.84 -9.92 1.95
C SER A 366 4.46 -8.76 1.05
N CYS A 367 3.68 -7.82 1.62
CA CYS A 367 3.00 -6.77 0.86
C CYS A 367 1.97 -7.37 -0.08
N SER A 368 1.33 -8.46 0.36
CA SER A 368 0.29 -9.20 -0.36
C SER A 368 0.75 -9.81 -1.67
N SER A 369 2.03 -9.74 -1.96
CA SER A 369 2.59 -10.19 -3.23
C SER A 369 3.76 -11.13 -2.99
N ASN A 370 3.98 -12.05 -3.92
CA ASN A 370 5.13 -12.95 -3.86
C ASN A 370 5.82 -12.99 -5.20
N VAL A 371 7.04 -13.50 -5.20
CA VAL A 371 7.75 -13.74 -6.45
C VAL A 371 7.25 -15.04 -7.07
N SER A 372 7.53 -15.23 -8.35
CA SER A 372 7.20 -16.49 -9.01
C SER A 372 8.00 -16.55 -10.30
N VAL A 373 7.89 -17.69 -10.99
CA VAL A 373 8.67 -17.94 -12.18
C VAL A 373 7.78 -18.43 -13.29
N ALA A 374 8.17 -18.10 -14.53
CA ALA A 374 7.59 -18.67 -15.72
C ALA A 374 8.69 -18.77 -16.77
N LEU A 375 8.56 -19.76 -17.63
CA LEU A 375 9.40 -19.85 -18.80
C LEU A 375 8.90 -18.87 -19.85
N GLY A 376 9.75 -18.55 -20.80
CA GLY A 376 9.27 -17.90 -21.99
C GLY A 376 9.36 -18.83 -23.18
N PRO A 377 9.49 -18.25 -24.39
CA PRO A 377 9.79 -19.10 -25.56
C PRO A 377 11.20 -19.61 -25.51
N ARG A 378 12.09 -18.82 -24.90
CA ARG A 378 13.50 -19.16 -24.85
C ARG A 378 13.77 -20.35 -23.94
N GLY A 379 12.74 -20.94 -23.31
CA GLY A 379 12.97 -21.93 -22.25
C GLY A 379 13.68 -21.36 -21.05
N ARG A 380 13.72 -20.04 -20.96
CA ARG A 380 14.55 -19.30 -20.04
C ARG A 380 13.69 -18.84 -18.86
N ARG A 381 14.24 -18.92 -17.67
CA ARG A 381 13.48 -18.57 -16.47
C ARG A 381 13.33 -17.06 -16.36
N ARG A 382 12.10 -16.63 -16.29
CA ARG A 382 11.77 -15.23 -16.13
C ARG A 382 10.98 -15.15 -14.82
N TYR A 383 11.38 -14.24 -13.94
CA TYR A 383 10.74 -14.10 -12.64
C TYR A 383 9.87 -12.84 -12.61
N TYR A 384 8.77 -12.89 -11.85
CA TYR A 384 7.83 -11.79 -11.83
C TYR A 384 7.20 -11.64 -10.45
N LEU A 385 6.39 -10.59 -10.28
CA LEU A 385 5.71 -10.35 -9.03
C LEU A 385 4.23 -10.59 -9.22
N THR A 386 3.68 -11.53 -8.47
CA THR A 386 2.29 -11.89 -8.60
C THR A 386 1.64 -11.79 -7.23
N ARG A 387 0.36 -12.11 -7.16
CA ARG A 387 -0.33 -12.04 -5.88
C ARG A 387 -1.60 -12.87 -5.98
N ASP A 388 -2.24 -13.07 -4.85
CA ASP A 388 -3.56 -13.68 -4.87
C ASP A 388 -4.51 -12.78 -5.64
N PRO A 389 -5.16 -13.28 -6.70
CA PRO A 389 -6.11 -12.44 -7.45
C PRO A 389 -7.47 -12.35 -6.83
N THR A 390 -7.71 -12.95 -5.67
CA THR A 390 -9.07 -12.95 -5.15
C THR A 390 -9.52 -11.54 -4.83
N THR A 391 -8.68 -10.74 -4.21
CA THR A 391 -9.15 -9.39 -3.94
C THR A 391 -9.17 -8.53 -5.19
N PRO A 392 -8.14 -8.50 -6.04
CA PRO A 392 -8.26 -7.65 -7.23
C PRO A 392 -9.50 -7.96 -8.06
N LEU A 393 -9.90 -9.22 -8.12
CA LEU A 393 -11.13 -9.57 -8.83
C LEU A 393 -12.35 -8.95 -8.16
N ALA A 394 -12.45 -9.13 -6.84
CA ALA A 394 -13.56 -8.56 -6.11
C ALA A 394 -13.70 -7.08 -6.39
N ARG A 395 -12.57 -6.35 -6.39
CA ARG A 395 -12.62 -4.91 -6.64
C ARG A 395 -12.90 -4.57 -8.10
N ALA A 396 -12.60 -5.50 -9.01
CA ALA A 396 -13.05 -5.40 -10.38
C ALA A 396 -14.57 -5.56 -10.51
N ALA A 397 -15.26 -5.90 -9.44
CA ALA A 397 -16.71 -6.09 -9.48
C ALA A 397 -17.45 -5.05 -8.66
N TRP A 398 -16.74 -4.05 -8.13
CA TRP A 398 -17.40 -3.00 -7.37
C TRP A 398 -17.98 -1.98 -8.34
N GLU A 399 -19.31 -1.93 -8.38
CA GLU A 399 -20.09 -1.04 -9.21
C GLU A 399 -21.22 -0.51 -8.37
N THR A 400 -21.20 0.78 -8.09
CA THR A 400 -22.33 1.40 -7.44
C THR A 400 -22.75 2.61 -8.25
N VAL A 401 -23.78 3.29 -7.74
CA VAL A 401 -24.19 4.59 -8.25
C VAL A 401 -23.01 5.52 -8.44
N ARG A 402 -21.95 5.34 -7.65
CA ARG A 402 -20.92 6.36 -7.50
C ARG A 402 -19.53 5.92 -7.89
N HIS A 403 -19.21 4.63 -7.90
CA HIS A 403 -17.86 4.20 -8.22
C HIS A 403 -17.87 3.24 -9.40
N SER A 404 -17.00 3.51 -10.38
CA SER A 404 -16.81 2.61 -11.51
C SER A 404 -15.47 1.92 -11.39
N PRO A 405 -15.44 0.59 -11.58
CA PRO A 405 -14.26 -0.20 -11.23
C PRO A 405 -13.13 -0.08 -12.23
N ILE A 406 -13.28 0.70 -13.29
CA ILE A 406 -12.34 0.60 -14.40
C ILE A 406 -10.97 1.10 -14.00
N ASN A 407 -10.90 2.15 -13.18
CA ASN A 407 -9.60 2.59 -12.71
C ASN A 407 -8.87 1.43 -12.06
N SER A 408 -9.59 0.64 -11.26
CA SER A 408 -9.01 -0.54 -10.61
C SER A 408 -8.47 -1.52 -11.65
N TRP A 409 -9.23 -1.75 -12.71
CA TRP A 409 -8.74 -2.62 -13.78
C TRP A 409 -7.45 -2.08 -14.36
N LEU A 410 -7.38 -0.77 -14.55
CA LEU A 410 -6.14 -0.19 -15.03
C LEU A 410 -5.02 -0.48 -14.05
N GLY A 411 -5.16 0.01 -12.82
CA GLY A 411 -4.21 -0.25 -11.76
C GLY A 411 -3.61 -1.64 -11.74
N ASN A 412 -4.45 -2.67 -11.88
CA ASN A 412 -3.95 -4.04 -11.85
C ASN A 412 -3.24 -4.40 -13.12
N ILE A 413 -3.82 -4.04 -14.28
CA ILE A 413 -3.18 -4.36 -15.55
C ILE A 413 -1.79 -3.76 -15.58
N ILE A 414 -1.64 -2.59 -14.97
CA ILE A 414 -0.33 -1.93 -14.91
C ILE A 414 0.57 -2.65 -13.93
N GLN A 415 0.07 -2.90 -12.73
CA GLN A 415 0.94 -3.32 -11.65
C GLN A 415 1.33 -4.79 -11.78
N TYR A 416 0.38 -5.65 -12.10
CA TYR A 416 0.72 -7.06 -12.21
C TYR A 416 0.55 -7.50 -13.65
N ALA A 417 1.10 -6.71 -14.57
CA ALA A 417 1.00 -7.02 -15.99
C ALA A 417 1.51 -8.41 -16.39
N PRO A 418 2.59 -8.95 -15.81
CA PRO A 418 3.06 -10.27 -16.25
C PRO A 418 2.19 -11.41 -15.81
N THR A 419 1.30 -11.20 -14.85
CA THR A 419 0.57 -12.31 -14.26
C THR A 419 -0.34 -12.99 -15.28
N ILE A 420 -0.53 -14.29 -15.07
CA ILE A 420 -1.46 -15.04 -15.92
C ILE A 420 -2.86 -14.53 -15.74
N TRP A 421 -3.17 -13.95 -14.58
CA TRP A 421 -4.53 -13.45 -14.41
C TRP A 421 -4.73 -12.09 -15.07
N VAL A 422 -3.76 -11.19 -14.99
CA VAL A 422 -3.88 -9.93 -15.73
C VAL A 422 -3.86 -10.21 -17.23
N ARG A 423 -2.90 -11.00 -17.69
CA ARG A 423 -2.77 -11.23 -19.12
C ARG A 423 -4.00 -11.91 -19.68
N MET A 424 -4.53 -12.92 -18.99
CA MET A 424 -5.60 -13.72 -19.56
C MET A 424 -6.99 -13.33 -19.11
N VAL A 425 -7.14 -12.70 -17.96
CA VAL A 425 -8.48 -12.32 -17.52
C VAL A 425 -8.64 -10.82 -17.66
N LEU A 426 -7.88 -10.06 -16.89
CA LEU A 426 -8.12 -8.62 -16.82
C LEU A 426 -8.00 -7.96 -18.20
N MET A 427 -6.81 -8.00 -18.79
CA MET A 427 -6.62 -7.38 -20.10
C MET A 427 -7.74 -7.73 -21.07
N THR A 428 -8.18 -9.00 -21.05
CA THR A 428 -9.29 -9.40 -21.92
C THR A 428 -10.54 -8.61 -21.62
N HIS A 429 -10.95 -8.58 -20.36
CA HIS A 429 -12.17 -7.87 -19.99
C HIS A 429 -12.02 -6.36 -20.19
N PHE A 430 -10.85 -5.83 -19.88
CA PHE A 430 -10.58 -4.40 -20.03
C PHE A 430 -10.94 -3.97 -21.43
N PHE A 431 -10.16 -4.38 -22.41
CA PHE A 431 -10.41 -3.96 -23.78
C PHE A 431 -11.77 -4.38 -24.29
N SER A 432 -12.22 -5.59 -23.94
CA SER A 432 -13.55 -6.02 -24.37
C SER A 432 -14.60 -4.98 -24.00
N ILE A 433 -14.53 -4.44 -22.79
CA ILE A 433 -15.47 -3.40 -22.37
C ILE A 433 -15.21 -2.11 -23.11
N LEU A 434 -13.96 -1.66 -23.09
CA LEU A 434 -13.64 -0.36 -23.65
C LEU A 434 -14.05 -0.28 -25.11
N MET A 435 -13.85 -1.35 -25.87
CA MET A 435 -14.20 -1.30 -27.28
C MET A 435 -15.70 -1.20 -27.48
N VAL A 436 -16.46 -2.02 -26.77
CA VAL A 436 -17.92 -1.95 -26.87
C VAL A 436 -18.39 -0.57 -26.42
N GLN A 437 -17.85 -0.06 -25.32
CA GLN A 437 -18.12 1.32 -24.90
C GLN A 437 -17.64 2.34 -25.93
N ASP A 438 -16.77 1.91 -26.86
CA ASP A 438 -16.09 2.81 -27.79
C ASP A 438 -15.43 3.99 -27.08
N THR A 439 -14.78 3.69 -25.94
CA THR A 439 -13.97 4.61 -25.16
C THR A 439 -12.53 4.15 -25.08
N LEU A 440 -12.08 3.43 -26.11
CA LEU A 440 -10.74 2.87 -26.12
C LEU A 440 -9.65 3.90 -26.02
N ASP A 441 -9.96 5.17 -26.21
CA ASP A 441 -8.93 6.20 -26.21
C ASP A 441 -9.31 7.39 -25.36
N GLN A 442 -10.28 7.22 -24.50
CA GLN A 442 -10.60 8.24 -23.53
C GLN A 442 -9.75 7.97 -22.29
N ASN A 443 -9.17 9.03 -21.74
CA ASN A 443 -8.14 8.87 -20.73
C ASN A 443 -8.70 8.28 -19.43
N LEU A 444 -7.84 7.56 -18.74
CA LEU A 444 -8.15 6.90 -17.47
C LEU A 444 -7.09 7.27 -16.43
N ASN A 445 -7.52 7.35 -15.17
CA ASN A 445 -6.60 7.62 -14.08
C ASN A 445 -6.03 6.33 -13.53
N PHE A 446 -4.74 6.35 -13.22
CA PHE A 446 -4.06 5.26 -12.54
C PHE A 446 -3.50 5.79 -11.22
N GLU A 447 -3.98 5.23 -10.11
CA GLU A 447 -3.68 5.74 -8.79
C GLU A 447 -2.70 4.83 -8.06
N MET A 448 -1.87 5.43 -7.20
CA MET A 448 -0.73 4.74 -6.62
C MET A 448 0.00 5.61 -5.61
N TYR A 449 0.00 5.19 -4.34
CA TYR A 449 0.63 5.92 -3.23
C TYR A 449 0.05 7.34 -3.15
N GLY A 450 -1.18 7.49 -3.61
CA GLY A 450 -1.84 8.78 -3.54
C GLY A 450 -1.65 9.68 -4.76
N SER A 451 -0.60 9.48 -5.54
CA SER A 451 -0.50 10.19 -6.81
C SER A 451 -1.46 9.58 -7.83
N VAL A 452 -2.00 10.43 -8.72
CA VAL A 452 -2.75 9.96 -9.88
C VAL A 452 -2.00 10.39 -11.14
N TYR A 453 -1.88 9.46 -12.08
CA TYR A 453 -1.22 9.70 -13.35
C TYR A 453 -2.24 9.48 -14.47
N SER A 454 -2.18 10.32 -15.49
CA SER A 454 -3.07 10.15 -16.63
C SER A 454 -2.56 9.03 -17.52
N VAL A 455 -3.42 8.08 -17.86
CA VAL A 455 -3.02 6.93 -18.66
C VAL A 455 -4.05 6.71 -19.77
N ASN A 456 -3.55 6.51 -21.01
CA ASN A 456 -4.48 6.24 -22.10
C ASN A 456 -4.44 4.78 -22.48
N PRO A 457 -5.60 4.14 -22.55
CA PRO A 457 -5.62 2.67 -22.74
C PRO A 457 -4.78 2.14 -23.90
N LEU A 458 -4.58 2.89 -24.97
CA LEU A 458 -3.87 2.32 -26.11
C LEU A 458 -2.36 2.40 -25.98
N ASP A 459 -1.86 3.03 -24.92
CA ASP A 459 -0.43 3.13 -24.63
C ASP A 459 0.09 2.00 -23.77
N LEU A 460 -0.80 1.19 -23.22
CA LEU A 460 -0.50 0.04 -22.39
C LEU A 460 0.69 -0.78 -22.89
N PRO A 461 0.82 -1.10 -24.18
CA PRO A 461 1.99 -1.88 -24.57
C PRO A 461 3.31 -1.19 -24.28
N ALA A 462 3.43 0.12 -24.53
CA ALA A 462 4.73 0.74 -24.29
C ALA A 462 4.96 0.99 -22.81
N ILE A 463 3.90 1.34 -22.07
CA ILE A 463 3.97 1.47 -20.61
C ILE A 463 4.50 0.19 -20.00
N ILE A 464 3.84 -0.93 -20.30
CA ILE A 464 4.21 -2.21 -19.73
C ILE A 464 5.62 -2.60 -20.12
N GLU A 465 6.10 -2.20 -21.30
CA GLU A 465 7.47 -2.54 -21.65
C GLU A 465 8.47 -1.72 -20.85
N ARG A 466 8.16 -0.45 -20.59
CA ARG A 466 9.10 0.36 -19.83
C ARG A 466 9.18 -0.11 -18.39
N LEU A 467 8.12 -0.73 -17.86
CA LEU A 467 8.04 -1.15 -16.47
C LEU A 467 8.45 -2.61 -16.25
N HIS A 468 8.09 -3.48 -17.21
CA HIS A 468 8.32 -4.92 -17.09
C HIS A 468 9.18 -5.50 -18.19
N GLY A 469 9.35 -4.80 -19.30
CA GLY A 469 10.11 -5.33 -20.41
C GLY A 469 9.32 -6.31 -21.27
N LEU A 470 9.83 -6.54 -22.48
CA LEU A 470 9.09 -7.30 -23.48
C LEU A 470 8.79 -8.72 -23.04
N ASP A 471 9.50 -9.25 -22.06
CA ASP A 471 9.24 -10.61 -21.60
C ASP A 471 7.80 -10.78 -21.11
N ALA A 472 7.12 -9.67 -20.78
CA ALA A 472 5.76 -9.70 -20.25
C ALA A 472 4.71 -10.14 -21.26
N PHE A 473 5.01 -10.05 -22.56
CA PHE A 473 4.11 -10.51 -23.60
C PHE A 473 4.50 -11.88 -24.12
N SER A 474 5.31 -12.62 -23.34
CA SER A 474 5.85 -13.88 -23.81
C SER A 474 6.01 -14.91 -22.70
N MET A 475 5.20 -14.85 -21.64
CA MET A 475 5.35 -15.77 -20.53
C MET A 475 4.74 -17.11 -20.91
N HIS A 476 5.59 -18.12 -21.10
CA HIS A 476 5.13 -19.38 -21.64
C HIS A 476 4.47 -20.26 -20.59
N THR A 477 5.18 -20.63 -19.54
CA THR A 477 4.71 -21.68 -18.65
C THR A 477 4.67 -21.17 -17.22
N TYR A 478 3.48 -21.03 -16.66
CA TYR A 478 3.43 -20.47 -15.33
C TYR A 478 3.63 -21.56 -14.29
N SER A 479 3.97 -21.13 -13.07
CA SER A 479 4.26 -22.02 -11.96
C SER A 479 3.05 -22.83 -11.53
N HIS A 480 3.30 -23.97 -10.89
CA HIS A 480 2.17 -24.78 -10.48
C HIS A 480 1.38 -24.08 -9.39
N HIS A 481 2.05 -23.30 -8.56
CA HIS A 481 1.32 -22.50 -7.58
C HIS A 481 0.38 -21.53 -8.27
N GLU A 482 0.94 -20.63 -9.09
CA GLU A 482 0.13 -19.60 -9.72
C GLU A 482 -1.05 -20.22 -10.45
N LEU A 483 -0.79 -21.27 -11.24
CA LEU A 483 -1.87 -21.93 -11.97
C LEU A 483 -2.97 -22.41 -11.02
N THR A 484 -2.58 -22.86 -9.83
CA THR A 484 -3.58 -23.34 -8.89
C THR A 484 -4.34 -22.20 -8.24
N ARG A 485 -3.63 -21.14 -7.84
CA ARG A 485 -4.29 -20.05 -7.15
C ARG A 485 -5.25 -19.31 -8.07
N VAL A 486 -4.82 -19.10 -9.32
CA VAL A 486 -5.64 -18.38 -10.29
C VAL A 486 -6.90 -19.19 -10.61
N ALA A 487 -6.73 -20.48 -10.90
CA ALA A 487 -7.90 -21.34 -11.07
C ALA A 487 -8.81 -21.22 -9.87
N SER A 488 -8.23 -21.31 -8.68
CA SER A 488 -9.01 -21.38 -7.46
C SER A 488 -9.85 -20.12 -7.26
N ALA A 489 -9.33 -18.95 -7.65
CA ALA A 489 -10.08 -17.73 -7.42
C ALA A 489 -11.19 -17.55 -8.45
N LEU A 490 -10.92 -17.91 -9.71
CA LEU A 490 -11.94 -17.85 -10.75
C LEU A 490 -13.17 -18.66 -10.36
N ARG A 491 -12.95 -19.89 -9.86
CA ARG A 491 -14.05 -20.68 -9.30
C ARG A 491 -14.73 -19.96 -8.16
N LYS A 492 -13.96 -19.39 -7.24
CA LYS A 492 -14.56 -18.84 -6.03
C LYS A 492 -15.45 -17.65 -6.33
N LEU A 493 -15.21 -16.97 -7.45
CA LEU A 493 -15.96 -15.77 -7.83
C LEU A 493 -16.92 -16.00 -9.01
N GLY A 494 -17.11 -17.23 -9.46
CA GLY A 494 -18.05 -17.45 -10.52
C GLY A 494 -17.61 -16.89 -11.84
N ALA A 495 -16.36 -16.58 -11.96
CA ALA A 495 -15.81 -16.21 -13.24
C ALA A 495 -15.59 -17.46 -14.08
N PRO A 496 -15.55 -17.32 -15.40
CA PRO A 496 -15.34 -18.46 -16.24
C PRO A 496 -13.88 -18.88 -16.19
N PRO A 497 -13.59 -20.14 -16.49
CA PRO A 497 -12.21 -20.63 -16.38
C PRO A 497 -11.27 -19.93 -17.36
N LEU A 498 -9.99 -20.25 -17.19
CA LEU A 498 -8.99 -19.68 -18.09
C LEU A 498 -9.16 -20.19 -19.52
N ARG A 499 -9.66 -21.40 -19.70
CA ARG A 499 -9.94 -21.87 -21.05
C ARG A 499 -10.88 -20.90 -21.75
N VAL A 500 -12.00 -20.58 -21.09
CA VAL A 500 -12.99 -19.63 -21.62
C VAL A 500 -12.33 -18.33 -22.02
N TRP A 501 -11.58 -17.72 -21.09
CA TRP A 501 -10.97 -16.45 -21.37
C TRP A 501 -10.09 -16.52 -22.60
N LYS A 502 -9.51 -17.68 -22.89
CA LYS A 502 -8.68 -17.78 -24.09
C LYS A 502 -9.54 -17.60 -25.33
N SER A 503 -10.75 -18.15 -25.33
CA SER A 503 -11.67 -17.93 -26.45
C SER A 503 -12.03 -16.45 -26.57
N ARG A 504 -12.43 -15.83 -25.45
CA ARG A 504 -12.83 -14.42 -25.47
C ARG A 504 -11.65 -13.53 -25.84
N ALA A 505 -10.45 -13.89 -25.39
CA ALA A 505 -9.25 -13.13 -25.71
C ALA A 505 -8.94 -13.18 -27.20
N ARG A 506 -9.12 -14.34 -27.84
CA ARG A 506 -8.97 -14.44 -29.27
C ARG A 506 -9.77 -13.35 -29.95
N ALA A 507 -11.02 -13.21 -29.53
CA ALA A 507 -11.92 -12.21 -30.12
C ALA A 507 -11.38 -10.78 -29.95
N VAL A 508 -11.09 -10.38 -28.72
CA VAL A 508 -10.58 -9.03 -28.47
C VAL A 508 -9.34 -8.76 -29.31
N ARG A 509 -8.52 -9.77 -29.57
CA ARG A 509 -7.39 -9.56 -30.46
C ARG A 509 -7.88 -9.16 -31.83
N ALA A 510 -8.89 -9.86 -32.32
CA ALA A 510 -9.43 -9.60 -33.65
C ALA A 510 -9.85 -8.13 -33.77
N SER A 511 -10.81 -7.70 -32.97
CA SER A 511 -11.30 -6.33 -33.07
C SER A 511 -10.18 -5.31 -32.86
N LEU A 512 -9.20 -5.62 -32.01
CA LEU A 512 -8.12 -4.66 -31.76
C LEU A 512 -7.22 -4.52 -32.98
N ILE A 513 -6.80 -5.64 -33.56
CA ILE A 513 -5.99 -5.55 -34.76
C ILE A 513 -6.81 -4.97 -35.90
N SER A 514 -8.11 -5.27 -35.95
CA SER A 514 -8.98 -4.80 -37.02
C SER A 514 -9.31 -3.32 -36.90
N ARG A 515 -9.02 -2.69 -35.77
CA ARG A 515 -9.10 -1.24 -35.67
C ARG A 515 -7.84 -0.53 -36.12
N GLY A 516 -6.76 -1.27 -36.34
CA GLY A 516 -5.47 -0.72 -36.75
C GLY A 516 -4.90 0.35 -35.85
N GLY A 517 -3.76 0.88 -36.23
CA GLY A 517 -3.22 2.03 -35.53
C GLY A 517 -2.63 1.62 -34.22
N LYS A 518 -3.01 2.32 -33.16
CA LYS A 518 -2.54 1.91 -31.84
C LYS A 518 -3.30 0.69 -31.33
N ALA A 519 -4.63 0.70 -31.52
CA ALA A 519 -5.43 -0.45 -31.16
C ALA A 519 -4.79 -1.75 -31.64
N ALA A 520 -4.27 -1.75 -32.86
CA ALA A 520 -3.68 -2.96 -33.40
C ALA A 520 -2.43 -3.40 -32.63
N VAL A 521 -1.63 -2.46 -32.13
CA VAL A 521 -0.47 -2.86 -31.35
C VAL A 521 -0.90 -3.52 -30.05
N CYS A 522 -1.97 -2.99 -29.42
CA CYS A 522 -2.54 -3.64 -28.25
C CYS A 522 -2.93 -5.07 -28.56
N GLY A 523 -3.54 -5.30 -29.71
CA GLY A 523 -3.83 -6.65 -30.13
C GLY A 523 -2.58 -7.51 -30.18
N ARG A 524 -1.59 -7.12 -30.98
CA ARG A 524 -0.50 -8.04 -31.28
C ARG A 524 0.35 -8.34 -30.06
N TYR A 525 0.42 -7.39 -29.12
CA TYR A 525 1.25 -7.52 -27.92
C TYR A 525 0.44 -8.12 -26.77
N LEU A 526 -0.50 -7.34 -26.26
CA LEU A 526 -1.19 -7.73 -25.06
C LEU A 526 -1.85 -9.08 -25.17
N PHE A 527 -2.13 -9.55 -26.39
CA PHE A 527 -2.80 -10.82 -26.56
C PHE A 527 -2.02 -11.78 -27.46
N ASN A 528 -0.73 -11.54 -27.63
CA ASN A 528 0.12 -12.49 -28.34
C ASN A 528 0.02 -13.87 -27.73
N TRP A 529 -0.16 -13.94 -26.42
CA TRP A 529 -0.28 -15.23 -25.76
C TRP A 529 -1.47 -16.03 -26.26
N ALA A 530 -2.45 -15.37 -26.90
CA ALA A 530 -3.71 -16.03 -27.18
C ALA A 530 -3.70 -16.85 -28.46
N VAL A 531 -2.71 -16.66 -29.34
CA VAL A 531 -2.79 -17.12 -30.72
C VAL A 531 -1.93 -18.35 -30.96
N LYS A 532 -2.44 -19.23 -31.83
CA LYS A 532 -1.77 -20.47 -32.20
C LYS A 532 -0.35 -20.24 -32.74
N THR A 533 -0.12 -19.13 -33.43
CA THR A 533 1.15 -18.86 -34.09
C THR A 533 1.63 -17.45 -33.72
N LYS A 534 2.58 -17.39 -32.78
CA LYS A 534 2.94 -16.14 -32.12
C LYS A 534 3.83 -15.26 -32.99
N LEU A 535 3.42 -14.00 -33.14
CA LEU A 535 4.26 -13.01 -33.79
C LEU A 535 5.46 -12.66 -32.91
N LYS A 536 6.62 -12.50 -33.54
CA LYS A 536 7.84 -12.16 -32.80
C LYS A 536 7.80 -10.68 -32.47
N LEU A 537 7.49 -10.35 -31.21
CA LEU A 537 7.38 -8.95 -30.82
C LEU A 537 8.77 -8.35 -30.65
N THR A 538 8.89 -7.08 -30.99
CA THR A 538 10.14 -6.36 -30.91
C THR A 538 9.94 -5.16 -29.99
N PRO A 539 11.01 -4.50 -29.55
CA PRO A 539 10.83 -3.32 -28.69
C PRO A 539 9.92 -2.28 -29.33
N LEU A 540 9.30 -1.48 -28.49
CA LEU A 540 8.48 -0.39 -29.00
C LEU A 540 9.25 0.90 -28.83
N PRO A 541 9.29 1.74 -29.86
CA PRO A 541 10.09 2.98 -29.76
C PRO A 541 9.60 3.89 -28.66
N GLU A 542 8.29 3.90 -28.41
CA GLU A 542 7.72 4.72 -27.35
C GLU A 542 8.27 4.35 -25.99
N ALA A 543 8.60 3.07 -25.78
CA ALA A 543 9.07 2.61 -24.48
C ALA A 543 10.25 3.44 -24.01
N ARG A 544 11.23 3.66 -24.89
CA ARG A 544 12.42 4.40 -24.49
C ARG A 544 12.16 5.86 -24.19
N LEU A 545 10.95 6.35 -24.49
CA LEU A 545 10.56 7.73 -24.30
C LEU A 545 9.78 7.97 -23.01
N LEU A 546 9.65 6.96 -22.16
CA LEU A 546 8.69 7.05 -21.07
C LEU A 546 9.38 7.35 -19.74
N ASP A 547 8.69 8.12 -18.90
CA ASP A 547 9.19 8.46 -17.57
C ASP A 547 8.21 7.91 -16.53
N LEU A 548 8.54 6.75 -15.99
CA LEU A 548 7.70 6.09 -15.00
C LEU A 548 8.35 6.10 -13.62
N SER A 549 9.35 6.94 -13.43
CA SER A 549 10.08 7.01 -12.19
C SER A 549 9.14 7.19 -11.01
N SER A 550 8.47 8.36 -10.91
CA SER A 550 7.75 8.68 -9.68
C SER A 550 6.53 7.80 -9.45
N TRP A 551 6.18 6.98 -10.45
CA TRP A 551 5.04 6.08 -10.31
C TRP A 551 5.15 5.28 -9.04
N PHE A 552 6.17 4.44 -8.95
CA PHE A 552 6.35 3.52 -7.82
C PHE A 552 7.40 4.01 -6.83
N THR A 553 7.36 5.30 -6.53
CA THR A 553 8.17 5.86 -5.46
C THR A 553 7.22 6.75 -4.67
N VAL A 554 7.76 7.65 -3.87
CA VAL A 554 6.94 8.43 -2.98
C VAL A 554 7.20 9.94 -3.08
O3B CDP C . -2.86 -2.41 10.81
PB CDP C . -3.22 -3.83 10.49
O1B CDP C . -2.16 -4.78 10.96
O2B CDP C . -4.56 -4.10 11.13
O3A CDP C . -3.32 -4.06 8.85
PA CDP C . -2.03 -3.89 7.87
O1A CDP C . -2.48 -3.59 6.46
O2A CDP C . -1.22 -5.16 7.87
O5' CDP C . -1.12 -2.65 8.52
C5' CDP C . -0.49 -1.75 7.64
C4' CDP C . -0.46 -0.39 8.24
O4' CDP C . -0.46 0.47 7.26
C3' CDP C . -1.81 -0.03 9.18
O3' CDP C . -1.61 -0.25 10.61
C2' CDP C . -2.05 1.17 9.00
O2' CDP C . -1.26 2.03 9.94
C1' CDP C . -1.59 1.45 7.49
N1 CDP C . -2.60 1.36 6.65
C2 CDP C . -3.31 2.59 6.26
O2 CDP C . -2.93 3.62 6.71
N3 CDP C . -4.45 2.53 5.33
C4 CDP C . -4.89 1.27 4.77
N4 CDP C . -6.02 1.21 3.84
C5 CDP C . -4.21 0.02 5.15
C6 CDP C . -3.06 0.10 6.09
MN MN D . 0.78 -4.89 6.47
MN MN E . -0.52 -5.57 10.01
PA FAD F . -1.35 -4.35 0.99
O1A FAD F . -1.86 -5.67 0.59
O2A FAD F . -2.53 -3.41 1.24
O5B FAD F . -0.42 -4.46 2.35
C5B FAD F . -0.38 -3.40 3.20
C4B FAD F . 0.97 -2.64 2.97
O4B FAD F . 0.85 -1.80 1.96
C3B FAD F . 1.34 -1.80 4.18
O3B FAD F . 2.69 -1.68 4.27
C2B FAD F . 0.74 -0.40 3.89
O2B FAD F . 1.78 0.63 4.28
C1B FAD F . 0.49 -0.36 2.60
N9A FAD F . -0.91 0.07 2.27
C8A FAD F . -1.88 -0.65 1.71
N7A FAD F . -2.99 0.12 1.55
C5A FAD F . -2.67 1.33 2.04
C6A FAD F . -3.43 2.50 2.15
N6A FAD F . -4.80 2.88 1.79
N1A FAD F . -2.87 3.58 2.68
C2A FAD F . -1.58 3.56 3.13
N3A FAD F . -0.84 2.42 3.02
C4A FAD F . -1.40 1.32 2.48
N1 FAD F . -4.68 3.98 -2.06
C2 FAD F . -5.86 4.82 -2.36
O2 FAD F . -6.82 4.34 -2.97
N3 FAD F . -5.88 6.28 -1.96
C4 FAD F . -4.75 6.80 -1.27
O4 FAD F . -4.74 7.95 -0.93
C4X FAD F . -3.55 5.93 -0.96
N5 FAD F . -2.42 6.50 -0.25
C5X FAD F . -1.25 5.66 0.06
C6 FAD F . -0.16 6.23 0.75
C7 FAD F . 0.95 5.44 1.05
C7M FAD F . 2.05 6.24 1.79
C8 FAD F . 0.97 4.09 0.67
C8M FAD F . 2.15 3.15 0.96
C9 FAD F . -0.13 3.51 -0.03
C9A FAD F . -1.24 4.31 -0.31
N10 FAD F . -2.42 3.70 -1.05
C10 FAD F . -3.53 4.54 -1.35
C1' FAD F . -2.42 2.28 -1.48
C2' FAD F . -1.77 2.18 -2.83
O2' FAD F . -2.63 2.63 -3.81
C3' FAD F . -1.38 0.73 -3.18
O3' FAD F . -2.53 -0.04 -3.26
C4' FAD F . -0.36 0.23 -2.17
O4' FAD F . 0.86 -0.02 -2.80
C5' FAD F . -0.79 -1.07 -1.50
O5' FAD F . -0.54 -2.18 -2.36
P FAD F . -1.16 -3.62 -1.77
O1P FAD F . -0.81 -4.79 -2.69
O2P FAD F . -2.69 -3.50 -1.58
O3P FAD F . -0.43 -3.77 -0.29
#